data_8ZVT
#
_entry.id   8ZVT
#
_cell.length_a   57.840
_cell.length_b   57.840
_cell.length_c   250.360
_cell.angle_alpha   90.00
_cell.angle_beta   90.00
_cell.angle_gamma   90.00
#
_symmetry.space_group_name_H-M   'P 43 21 2'
#
loop_
_entity.id
_entity.type
_entity.pdbx_description
1 polymer 'Citrate synthase, mitochondrial'
2 non-polymer 'OXALOACETATE ION'
3 non-polymer 'ACETIC ACID'
4 non-polymer 'COENZYME A'
5 water water
#
_entity_poly.entity_id   1
_entity_poly.type   'polypeptide(L)'
_entity_poly.pdbx_seq_one_letter_code
;ASSTNLKDILADLIPKEQARIKTFRQQHGKTVVGQITVDMMYGGMRGMKGLVYETSVLDPDEGIRFRGFSIPECQKLLPK
AKGGEEPLPEGLFWLLVTGHIPTEEQVSWLSKEWAKRAALPSHVVTMLDNFPTNLHPMSQLSAAVTALNSESNFARAYAQ
GISRTKYWELIYEDSMDLIAKLPCVAAKIYRNLYREGSGIGAIDSNLDWSHNFTNMLGYTDHQFTELTRLYLTIHSDHEG
GNVSAHTSHLVGSALSDPYLSFAAAMNGLAGPLHGLANQEVLVWLTQLQKEVGKDVSDEKLRDYIWNTLNSGRVVPGYGH
AVLRKTDPRYTCQREFALKHLPNDPMFKLVAQLYKIVPNVLLEQGKAKNPWPNVDAHSGVLLQYYGMTEMNYYTVLFGVS
RALGVLAQLIWSRALGFPLERPKSMSTEGLMKFVDS
;
_entity_poly.pdbx_strand_id   A
#
loop_
_chem_comp.id
_chem_comp.type
_chem_comp.name
_chem_comp.formula
ACY non-polymer 'ACETIC ACID' 'C2 H4 O2'
COA non-polymer 'COENZYME A' 'C21 H36 N7 O16 P3 S'
OAA non-polymer 'OXALOACETATE ION' 'C4 H3 O5 -1'
#
# COMPACT_ATOMS: atom_id res chain seq x y z
N SER A 3 3.43 -20.72 18.46
CA SER A 3 2.87 -20.32 19.78
C SER A 3 2.31 -18.90 19.64
N THR A 4 3.09 -17.88 20.05
CA THR A 4 2.91 -16.54 19.52
C THR A 4 4.07 -16.17 18.59
N ASN A 5 5.03 -17.09 18.36
CA ASN A 5 6.15 -16.75 17.49
C ASN A 5 5.74 -17.00 16.03
N LEU A 6 5.61 -15.90 15.29
CA LEU A 6 5.16 -15.93 13.91
C LEU A 6 6.09 -16.80 13.06
N LYS A 7 7.39 -16.67 13.28
CA LYS A 7 8.35 -17.39 12.46
C LYS A 7 8.14 -18.90 12.55
N ASP A 8 7.78 -19.41 13.73
CA ASP A 8 7.55 -20.84 13.93
C ASP A 8 6.25 -21.29 13.24
N ILE A 9 5.22 -20.45 13.36
CA ILE A 9 3.94 -20.74 12.75
C ILE A 9 4.13 -20.75 11.24
N LEU A 10 4.90 -19.79 10.72
CA LEU A 10 5.17 -19.71 9.29
C LEU A 10 6.02 -20.89 8.82
N ALA A 11 6.99 -21.33 9.65
CA ALA A 11 7.76 -22.52 9.36
C ALA A 11 6.85 -23.74 9.15
N ASP A 12 5.73 -23.84 9.88
CA ASP A 12 4.82 -24.98 9.75
C ASP A 12 3.94 -24.90 8.51
N LEU A 13 3.59 -23.68 8.10
CA LEU A 13 2.67 -23.45 6.98
C LEU A 13 3.36 -23.76 5.65
N ILE A 14 4.65 -23.46 5.55
CA ILE A 14 5.32 -23.39 4.25
C ILE A 14 5.33 -24.74 3.55
N PRO A 15 5.73 -25.85 4.20
CA PRO A 15 5.80 -27.15 3.55
C PRO A 15 4.49 -27.55 2.87
N LYS A 16 3.39 -27.20 3.51
CA LYS A 16 2.06 -27.57 3.07
C LYS A 16 1.76 -26.86 1.77
N GLU A 17 2.13 -25.57 1.74
CA GLU A 17 1.91 -24.75 0.55
C GLU A 17 2.85 -25.20 -0.56
N GLN A 18 4.07 -25.62 -0.25
CA GLN A 18 4.98 -26.11 -1.28
C GLN A 18 4.38 -27.37 -1.91
N ALA A 19 3.80 -28.26 -1.09
CA ALA A 19 3.28 -29.51 -1.61
C ALA A 19 2.09 -29.27 -2.54
N ARG A 20 1.22 -28.35 -2.11
CA ARG A 20 -0.01 -28.00 -2.80
C ARG A 20 0.34 -27.45 -4.18
N ILE A 21 1.32 -26.56 -4.22
CA ILE A 21 1.74 -25.97 -5.48
C ILE A 21 2.42 -26.99 -6.37
N LYS A 22 3.26 -27.85 -5.80
CA LYS A 22 3.95 -28.87 -6.60
C LYS A 22 2.95 -29.79 -7.31
N THR A 23 1.94 -30.28 -6.58
CA THR A 23 0.90 -31.11 -7.16
C THR A 23 0.14 -30.35 -8.25
N PHE A 24 -0.31 -29.14 -7.92
CA PHE A 24 -1.06 -28.33 -8.85
C PHE A 24 -0.27 -28.07 -10.14
N ARG A 25 1.04 -27.79 -10.03
CA ARG A 25 1.85 -27.65 -11.24
C ARG A 25 1.99 -28.97 -11.99
N GLN A 26 2.08 -30.09 -11.28
CA GLN A 26 2.23 -31.36 -11.96
C GLN A 26 0.98 -31.69 -12.77
N GLN A 27 -0.21 -31.37 -12.24
CA GLN A 27 -1.46 -31.70 -12.92
C GLN A 27 -1.86 -30.63 -13.92
N HIS A 28 -1.49 -29.37 -13.68
CA HIS A 28 -2.10 -28.28 -14.41
C HIS A 28 -1.08 -27.26 -14.90
N GLY A 29 0.22 -27.56 -14.77
CA GLY A 29 1.27 -26.67 -15.22
C GLY A 29 1.04 -26.17 -16.66
N LYS A 30 0.59 -27.08 -17.53
CA LYS A 30 0.48 -26.79 -18.95
C LYS A 30 -0.91 -26.27 -19.32
N THR A 31 -1.79 -26.12 -18.33
CA THR A 31 -3.10 -25.57 -18.56
C THR A 31 -3.01 -24.08 -18.95
N VAL A 32 -3.71 -23.72 -20.03
CA VAL A 32 -3.77 -22.35 -20.51
C VAL A 32 -4.79 -21.57 -19.68
N VAL A 33 -4.39 -20.43 -19.12
CA VAL A 33 -5.31 -19.65 -18.31
C VAL A 33 -5.62 -18.31 -18.99
N GLY A 34 -4.91 -17.97 -20.07
CA GLY A 34 -5.30 -16.83 -20.88
C GLY A 34 -4.45 -16.72 -22.14
N GLN A 35 -4.80 -15.76 -23.00
CA GLN A 35 -4.10 -15.53 -24.26
C GLN A 35 -3.45 -14.14 -24.19
N ILE A 36 -2.33 -13.98 -24.88
CA ILE A 36 -1.69 -12.67 -24.94
C ILE A 36 -1.96 -12.12 -26.32
N THR A 37 -2.49 -10.89 -26.40
CA THR A 37 -2.74 -10.23 -27.67
C THR A 37 -1.72 -9.10 -27.85
N VAL A 38 -1.61 -8.63 -29.10
CA VAL A 38 -0.77 -7.49 -29.42
C VAL A 38 -1.13 -6.31 -28.52
N ASP A 39 -2.44 -6.10 -28.29
CA ASP A 39 -2.92 -4.95 -27.53
C ASP A 39 -2.49 -5.06 -26.08
N MET A 40 -2.32 -6.27 -25.54
CA MET A 40 -1.94 -6.44 -24.14
C MET A 40 -0.48 -6.04 -23.99
N MET A 41 0.33 -6.40 -24.97
CA MET A 41 1.74 -6.04 -24.98
C MET A 41 1.93 -4.53 -25.04
N TYR A 42 1.20 -3.84 -25.93
CA TYR A 42 1.24 -2.38 -26.00
C TYR A 42 0.53 -1.74 -24.81
N GLY A 43 -0.45 -2.44 -24.22
CA GLY A 43 -1.34 -1.85 -23.22
C GLY A 43 -0.97 -2.24 -21.78
N GLY A 44 0.33 -2.38 -21.51
CA GLY A 44 0.80 -2.54 -20.15
C GLY A 44 0.29 -3.84 -19.53
N MET A 45 0.21 -4.90 -20.33
CA MET A 45 -0.19 -6.22 -19.88
C MET A 45 -1.61 -6.19 -19.30
N ARG A 46 -2.42 -5.18 -19.69
CA ARG A 46 -3.78 -5.06 -19.18
C ARG A 46 -4.52 -6.39 -19.36
N GLY A 47 -5.07 -6.92 -18.25
CA GLY A 47 -5.87 -8.13 -18.25
C GLY A 47 -5.06 -9.40 -18.48
N MET A 48 -3.74 -9.31 -18.47
CA MET A 48 -2.89 -10.47 -18.58
C MET A 48 -2.70 -11.09 -17.19
N LYS A 49 -2.93 -12.40 -17.07
CA LYS A 49 -2.66 -13.11 -15.84
C LYS A 49 -1.16 -13.35 -15.82
N GLY A 50 -0.46 -12.65 -14.95
CA GLY A 50 0.97 -12.46 -15.13
C GLY A 50 1.79 -13.05 -13.98
N LEU A 51 1.22 -13.07 -12.77
CA LEU A 51 2.03 -13.55 -11.66
C LEU A 51 1.13 -14.16 -10.62
N VAL A 52 1.78 -14.92 -9.74
CA VAL A 52 1.13 -15.49 -8.58
C VAL A 52 1.53 -14.67 -7.36
N TYR A 53 0.53 -14.24 -6.62
CA TYR A 53 0.66 -13.31 -5.53
C TYR A 53 -0.38 -13.75 -4.53
N GLU A 54 0.07 -14.23 -3.36
CA GLU A 54 -0.79 -14.98 -2.47
C GLU A 54 -1.54 -14.12 -1.47
N THR A 55 -1.01 -12.92 -1.14
CA THR A 55 -1.42 -12.24 0.09
C THR A 55 -2.82 -11.64 -0.07
N SER A 56 -3.14 -11.16 -1.28
CA SER A 56 -4.39 -10.49 -1.55
C SER A 56 -4.77 -10.71 -3.02
N VAL A 57 -6.08 -10.66 -3.26
CA VAL A 57 -6.65 -10.89 -4.57
C VAL A 57 -7.70 -9.80 -4.81
N LEU A 58 -7.54 -9.01 -5.87
CA LEU A 58 -8.50 -7.95 -6.12
C LEU A 58 -9.58 -8.51 -7.04
N ASP A 59 -10.78 -8.69 -6.48
CA ASP A 59 -11.91 -9.14 -7.27
C ASP A 59 -12.57 -7.93 -7.92
N PRO A 60 -12.66 -7.84 -9.28
CA PRO A 60 -13.22 -6.67 -9.95
C PRO A 60 -14.53 -6.10 -9.39
N ASP A 61 -15.41 -6.94 -8.85
CA ASP A 61 -16.74 -6.52 -8.45
C ASP A 61 -16.89 -6.20 -6.96
N GLU A 62 -16.11 -6.85 -6.08
CA GLU A 62 -16.25 -6.64 -4.64
C GLU A 62 -15.03 -5.93 -4.04
N GLY A 63 -13.96 -5.80 -4.83
CA GLY A 63 -12.74 -5.18 -4.36
C GLY A 63 -11.86 -6.19 -3.63
N ILE A 64 -11.11 -5.72 -2.65
CA ILE A 64 -9.90 -6.42 -2.23
C ILE A 64 -10.30 -7.42 -1.16
N ARG A 65 -9.66 -8.59 -1.19
CA ARG A 65 -9.74 -9.55 -0.11
C ARG A 65 -8.32 -9.80 0.39
N PHE A 66 -8.15 -9.70 1.70
CA PHE A 66 -6.89 -10.06 2.33
C PHE A 66 -6.99 -11.51 2.75
N ARG A 67 -6.28 -12.41 2.06
CA ARG A 67 -6.32 -13.82 2.36
C ARG A 67 -7.78 -14.26 2.43
N GLY A 68 -8.60 -13.72 1.52
CA GLY A 68 -10.00 -14.13 1.36
C GLY A 68 -10.96 -13.41 2.30
N PHE A 69 -10.47 -12.46 3.11
CA PHE A 69 -11.30 -11.64 3.98
C PHE A 69 -11.49 -10.23 3.42
N SER A 70 -12.73 -9.74 3.53
CA SER A 70 -13.11 -8.42 3.06
C SER A 70 -12.65 -7.39 4.09
N ILE A 71 -12.70 -6.10 3.73
CA ILE A 71 -12.36 -5.09 4.72
C ILE A 71 -13.43 -5.07 5.81
N PRO A 72 -14.75 -5.15 5.51
CA PRO A 72 -15.74 -5.30 6.60
C PRO A 72 -15.44 -6.48 7.52
N GLU A 73 -15.15 -7.65 6.95
CA GLU A 73 -14.78 -8.77 7.79
C GLU A 73 -13.57 -8.37 8.64
N CYS A 74 -12.60 -7.68 8.04
CA CYS A 74 -11.38 -7.33 8.74
C CYS A 74 -11.66 -6.35 9.86
N GLN A 75 -12.57 -5.39 9.60
CA GLN A 75 -12.99 -4.41 10.59
C GLN A 75 -13.55 -5.12 11.82
N LYS A 76 -14.32 -6.19 11.61
CA LYS A 76 -14.98 -6.90 12.71
C LYS A 76 -14.04 -7.88 13.43
N LEU A 77 -13.19 -8.59 12.67
CA LEU A 77 -12.45 -9.72 13.21
C LEU A 77 -11.09 -9.32 13.76
N LEU A 78 -10.41 -8.34 13.12
CA LEU A 78 -9.02 -8.05 13.44
C LEU A 78 -8.94 -7.36 14.78
N PRO A 79 -7.95 -7.69 15.65
CA PRO A 79 -7.80 -7.00 16.92
C PRO A 79 -7.66 -5.49 16.75
N LYS A 80 -8.30 -4.76 17.68
CA LYS A 80 -8.23 -3.32 17.76
C LYS A 80 -7.36 -2.99 18.96
N ALA A 81 -6.87 -1.76 19.03
CA ALA A 81 -6.28 -1.24 20.25
C ALA A 81 -7.35 -1.17 21.34
N LYS A 82 -6.93 -1.24 22.61
CA LYS A 82 -7.86 -1.44 23.71
C LYS A 82 -8.96 -0.37 23.68
N GLY A 83 -8.55 0.91 23.69
CA GLY A 83 -9.52 2.01 23.65
C GLY A 83 -9.94 2.41 22.24
N GLY A 84 -9.79 1.51 21.26
CA GLY A 84 -9.95 1.86 19.86
C GLY A 84 -11.04 1.02 19.20
N GLU A 85 -11.42 1.43 17.99
CA GLU A 85 -12.39 0.72 17.18
C GLU A 85 -11.78 0.29 15.84
N GLU A 86 -10.59 0.80 15.51
CA GLU A 86 -10.03 0.57 14.18
C GLU A 86 -9.07 -0.61 14.23
N PRO A 87 -9.06 -1.47 13.19
CA PRO A 87 -8.19 -2.65 13.19
C PRO A 87 -6.74 -2.22 13.22
N LEU A 88 -5.93 -2.99 13.95
CA LEU A 88 -4.51 -2.73 14.04
C LEU A 88 -3.83 -3.29 12.80
N PRO A 89 -2.94 -2.52 12.13
CA PRO A 89 -2.19 -3.07 10.98
C PRO A 89 -1.33 -4.29 11.26
N GLU A 90 -0.84 -4.42 12.49
CA GLU A 90 -0.20 -5.63 12.98
C GLU A 90 -0.99 -6.89 12.62
N GLY A 91 -2.28 -6.88 12.96
CA GLY A 91 -3.07 -8.05 12.72
C GLY A 91 -3.27 -8.31 11.22
N LEU A 92 -3.39 -7.24 10.45
CA LEU A 92 -3.46 -7.40 9.01
C LEU A 92 -2.20 -8.12 8.52
N PHE A 93 -1.03 -7.68 8.96
CA PHE A 93 0.20 -8.30 8.52
C PHE A 93 0.21 -9.79 8.91
N TRP A 94 -0.27 -10.09 10.11
CA TRP A 94 -0.36 -11.46 10.58
C TRP A 94 -1.27 -12.26 9.65
N LEU A 95 -2.43 -11.71 9.31
CA LEU A 95 -3.30 -12.37 8.35
C LEU A 95 -2.60 -12.65 7.02
N LEU A 96 -1.92 -11.66 6.46
CA LEU A 96 -1.36 -11.81 5.14
C LEU A 96 -0.30 -12.91 5.16
N VAL A 97 0.45 -12.98 6.27
CA VAL A 97 1.56 -13.90 6.42
C VAL A 97 1.05 -15.32 6.70
N THR A 98 0.00 -15.47 7.51
CA THR A 98 -0.38 -16.79 8.00
C THR A 98 -1.65 -17.33 7.31
N GLY A 99 -2.44 -16.45 6.69
CA GLY A 99 -3.77 -16.80 6.23
C GLY A 99 -4.81 -16.86 7.36
N HIS A 100 -4.41 -16.54 8.59
CA HIS A 100 -5.27 -16.68 9.76
C HIS A 100 -5.43 -15.34 10.47
N ILE A 101 -6.63 -15.11 11.00
CA ILE A 101 -6.92 -14.02 11.91
C ILE A 101 -6.12 -14.26 13.19
N PRO A 102 -5.31 -13.31 13.67
CA PRO A 102 -4.51 -13.52 14.88
C PRO A 102 -5.36 -13.40 16.14
N THR A 103 -4.84 -13.93 17.25
CA THR A 103 -5.40 -13.60 18.55
C THR A 103 -4.93 -12.20 18.92
N GLU A 104 -5.55 -11.64 19.98
CA GLU A 104 -5.09 -10.44 20.64
C GLU A 104 -3.63 -10.59 21.03
N GLU A 105 -3.27 -11.75 21.57
CA GLU A 105 -1.95 -11.97 22.13
C GLU A 105 -0.92 -12.02 20.99
N GLN A 106 -1.34 -12.52 19.82
CA GLN A 106 -0.45 -12.61 18.69
C GLN A 106 -0.11 -11.18 18.26
N VAL A 107 -1.12 -10.32 18.22
CA VAL A 107 -0.96 -8.94 17.78
C VAL A 107 -0.15 -8.16 18.80
N SER A 108 -0.36 -8.41 20.09
CA SER A 108 0.41 -7.78 21.14
CA SER A 108 0.41 -7.78 21.14
C SER A 108 1.89 -8.17 21.01
N TRP A 109 2.14 -9.46 20.78
CA TRP A 109 3.48 -9.98 20.54
C TRP A 109 4.12 -9.27 19.35
N LEU A 110 3.37 -9.08 18.27
CA LEU A 110 3.91 -8.44 17.08
C LEU A 110 4.20 -6.95 17.33
N SER A 111 3.31 -6.20 17.98
CA SER A 111 3.59 -4.82 18.30
C SER A 111 4.92 -4.70 19.04
N LYS A 112 5.15 -5.61 20.00
CA LYS A 112 6.37 -5.61 20.81
C LYS A 112 7.59 -5.95 19.96
N GLU A 113 7.46 -6.90 19.03
CA GLU A 113 8.57 -7.25 18.15
C GLU A 113 9.05 -6.05 17.33
N TRP A 114 8.09 -5.34 16.73
CA TRP A 114 8.39 -4.23 15.86
C TRP A 114 8.93 -3.06 16.69
N ALA A 115 8.43 -2.90 17.92
CA ALA A 115 8.96 -1.90 18.82
C ALA A 115 10.43 -2.14 19.13
N LYS A 116 10.88 -3.40 19.22
CA LYS A 116 12.26 -3.70 19.59
C LYS A 116 13.23 -3.65 18.41
N ARG A 117 12.74 -3.74 17.18
CA ARG A 117 13.59 -3.73 16.00
C ARG A 117 13.74 -2.34 15.35
N ALA A 118 13.21 -1.27 15.97
CA ALA A 118 12.95 -0.03 15.22
C ALA A 118 14.16 0.92 15.10
N ALA A 119 15.29 0.63 15.75
CA ALA A 119 16.36 1.61 15.85
C ALA A 119 17.01 1.83 14.49
N LEU A 120 17.28 3.11 14.14
CA LEU A 120 17.90 3.45 12.89
C LEU A 120 19.42 3.41 13.09
N PRO A 121 20.19 2.90 12.12
CA PRO A 121 21.65 3.06 12.14
C PRO A 121 21.99 4.54 11.93
N SER A 122 23.13 4.95 12.48
CA SER A 122 23.45 6.35 12.54
C SER A 122 23.74 6.95 11.15
N HIS A 123 24.23 6.15 10.19
CA HIS A 123 24.48 6.67 8.85
C HIS A 123 23.16 7.09 8.19
N VAL A 124 22.04 6.45 8.54
CA VAL A 124 20.75 6.77 7.94
C VAL A 124 20.14 8.01 8.60
N VAL A 125 20.37 8.17 9.89
CA VAL A 125 19.98 9.39 10.60
C VAL A 125 20.72 10.58 9.99
N THR A 126 22.02 10.41 9.73
CA THR A 126 22.86 11.48 9.23
C THR A 126 22.40 11.87 7.83
N MET A 127 22.14 10.86 6.99
CA MET A 127 21.71 11.07 5.60
C MET A 127 20.42 11.89 5.65
N LEU A 128 19.45 11.43 6.44
CA LEU A 128 18.17 12.10 6.56
C LEU A 128 18.34 13.53 7.04
N ASP A 129 19.16 13.75 8.06
CA ASP A 129 19.27 15.07 8.66
C ASP A 129 19.95 16.06 7.73
N ASN A 130 20.79 15.57 6.79
CA ASN A 130 21.52 16.38 5.85
C ASN A 130 20.75 16.68 4.56
N PHE A 131 19.62 16.01 4.33
CA PHE A 131 18.93 16.18 3.07
C PHE A 131 18.29 17.55 3.01
N PRO A 132 18.25 18.23 1.86
CA PRO A 132 17.62 19.55 1.79
C PRO A 132 16.10 19.43 1.82
N THR A 133 15.44 20.55 2.14
CA THR A 133 13.99 20.56 2.28
C THR A 133 13.32 20.42 0.93
N ASN A 134 14.03 20.72 -0.15
CA ASN A 134 13.43 20.61 -1.47
C ASN A 134 13.59 19.20 -2.05
N LEU A 135 14.13 18.23 -1.28
CA LEU A 135 14.11 16.86 -1.73
C LEU A 135 12.82 16.16 -1.28
N HIS A 136 12.05 15.71 -2.27
CA HIS A 136 10.72 15.20 -2.07
C HIS A 136 10.72 14.08 -1.02
N PRO A 137 9.72 14.06 -0.11
CA PRO A 137 9.67 13.04 0.93
C PRO A 137 9.73 11.60 0.42
N MET A 138 9.16 11.30 -0.74
CA MET A 138 9.22 9.96 -1.32
C MET A 138 10.64 9.61 -1.77
N SER A 139 11.40 10.58 -2.27
CA SER A 139 12.80 10.37 -2.59
C SER A 139 13.60 10.08 -1.30
N GLN A 140 13.32 10.84 -0.25
CA GLN A 140 14.03 10.72 1.01
C GLN A 140 13.79 9.32 1.59
N LEU A 141 12.55 8.86 1.52
CA LEU A 141 12.17 7.53 1.98
C LEU A 141 12.95 6.45 1.25
N SER A 142 12.84 6.46 -0.08
CA SER A 142 13.46 5.46 -0.94
C SER A 142 14.96 5.46 -0.72
N ALA A 143 15.61 6.64 -0.75
CA ALA A 143 17.04 6.69 -0.51
C ALA A 143 17.42 6.06 0.83
N ALA A 144 16.76 6.47 1.92
CA ALA A 144 17.03 5.96 3.25
C ALA A 144 16.82 4.45 3.35
N VAL A 145 15.76 3.94 2.72
CA VAL A 145 15.50 2.51 2.76
C VAL A 145 16.62 1.79 2.02
N THR A 146 17.06 2.34 0.89
CA THR A 146 18.14 1.71 0.16
C THR A 146 19.41 1.68 1.04
N ALA A 147 19.73 2.81 1.68
CA ALA A 147 20.90 2.88 2.55
C ALA A 147 20.79 1.95 3.75
N LEU A 148 19.57 1.59 4.18
CA LEU A 148 19.33 0.59 5.22
C LEU A 148 19.79 -0.81 4.82
N ASN A 149 20.13 -1.05 3.55
CA ASN A 149 20.42 -2.41 3.10
C ASN A 149 21.70 -2.90 3.77
N SER A 150 22.49 -1.98 4.30
CA SER A 150 23.64 -2.26 5.13
C SER A 150 23.26 -3.22 6.24
N GLU A 151 22.00 -3.19 6.68
CA GLU A 151 21.60 -3.96 7.85
C GLU A 151 21.07 -5.35 7.48
N SER A 152 21.09 -5.70 6.19
CA SER A 152 20.37 -6.84 5.66
C SER A 152 21.05 -8.16 6.04
N ASN A 153 20.28 -9.02 6.71
CA ASN A 153 20.65 -10.40 7.01
C ASN A 153 20.78 -11.23 5.74
N PHE A 154 19.77 -11.09 4.86
CA PHE A 154 19.69 -11.89 3.65
C PHE A 154 20.89 -11.61 2.75
N ALA A 155 21.18 -10.32 2.50
CA ALA A 155 22.26 -9.93 1.61
C ALA A 155 23.57 -10.53 2.10
N ARG A 156 23.84 -10.39 3.41
CA ARG A 156 25.04 -10.92 4.05
C ARG A 156 25.08 -12.44 3.93
N ALA A 157 24.03 -13.13 4.37
CA ALA A 157 24.04 -14.59 4.34
C ALA A 157 24.14 -15.15 2.91
N TYR A 158 23.56 -14.47 1.91
CA TYR A 158 23.55 -15.03 0.57
C TYR A 158 24.96 -15.11 0.01
N ALA A 159 25.75 -14.06 0.29
CA ALA A 159 27.11 -13.96 -0.23
C ALA A 159 28.01 -15.02 0.40
N GLN A 160 27.63 -15.54 1.57
CA GLN A 160 28.35 -16.63 2.23
C GLN A 160 27.84 -18.00 1.81
N GLY A 161 26.90 -18.05 0.85
CA GLY A 161 26.37 -19.34 0.39
C GLY A 161 25.40 -19.92 1.39
N ILE A 162 24.10 -19.80 1.12
CA ILE A 162 23.07 -20.28 2.03
C ILE A 162 22.09 -21.12 1.22
N SER A 163 21.58 -22.20 1.80
CA SER A 163 20.61 -23.04 1.12
C SER A 163 19.42 -22.21 0.63
N ARG A 164 18.86 -22.58 -0.53
CA ARG A 164 17.62 -22.03 -1.03
C ARG A 164 16.50 -22.15 0.01
N THR A 165 16.53 -23.20 0.84
CA THR A 165 15.41 -23.55 1.70
C THR A 165 15.37 -22.63 2.90
N LYS A 166 16.48 -21.94 3.16
CA LYS A 166 16.61 -21.08 4.32
C LYS A 166 16.43 -19.62 3.91
N TYR A 167 16.13 -19.34 2.63
CA TYR A 167 16.04 -17.97 2.17
C TYR A 167 14.95 -17.23 2.94
N TRP A 168 13.76 -17.83 3.06
CA TRP A 168 12.61 -17.13 3.61
C TRP A 168 12.87 -16.65 5.03
N GLU A 169 13.70 -17.37 5.79
CA GLU A 169 13.94 -17.05 7.20
C GLU A 169 14.64 -15.69 7.31
N LEU A 170 15.65 -15.46 6.47
CA LEU A 170 16.42 -14.22 6.53
C LEU A 170 15.58 -13.08 5.96
N ILE A 171 14.75 -13.43 4.97
CA ILE A 171 13.81 -12.51 4.35
C ILE A 171 12.78 -12.06 5.37
N TYR A 172 12.28 -13.00 6.17
CA TYR A 172 11.42 -12.69 7.30
C TYR A 172 12.11 -11.70 8.23
N GLU A 173 13.34 -12.01 8.63
CA GLU A 173 14.03 -11.19 9.62
C GLU A 173 14.16 -9.76 9.10
N ASP A 174 14.60 -9.58 7.84
CA ASP A 174 14.79 -8.27 7.24
C ASP A 174 13.46 -7.52 7.11
N SER A 175 12.41 -8.24 6.73
CA SER A 175 11.07 -7.67 6.55
C SER A 175 10.51 -7.13 7.86
N MET A 176 10.69 -7.88 8.95
CA MET A 176 10.26 -7.45 10.27
C MET A 176 11.07 -6.25 10.71
N ASP A 177 12.37 -6.25 10.40
CA ASP A 177 13.26 -5.15 10.74
C ASP A 177 12.82 -3.90 9.96
N LEU A 178 12.48 -4.06 8.68
CA LEU A 178 12.16 -2.92 7.84
C LEU A 178 10.82 -2.33 8.27
N ILE A 179 9.80 -3.17 8.41
CA ILE A 179 8.53 -2.71 8.93
C ILE A 179 8.74 -1.91 10.23
N ALA A 180 9.54 -2.45 11.15
CA ALA A 180 9.79 -1.78 12.41
C ALA A 180 10.36 -0.37 12.19
N LYS A 181 11.35 -0.27 11.33
CA LYS A 181 12.09 0.96 11.20
C LYS A 181 11.34 2.00 10.38
N LEU A 182 10.40 1.55 9.55
CA LEU A 182 9.79 2.42 8.57
C LEU A 182 9.10 3.63 9.21
N PRO A 183 8.29 3.50 10.29
CA PRO A 183 7.71 4.68 10.93
C PRO A 183 8.79 5.64 11.43
N CYS A 184 9.95 5.13 11.90
CA CYS A 184 11.01 6.02 12.34
C CYS A 184 11.58 6.82 11.18
N VAL A 185 11.78 6.13 10.05
CA VAL A 185 12.29 6.78 8.86
C VAL A 185 11.29 7.84 8.41
N ALA A 186 10.03 7.42 8.27
CA ALA A 186 8.95 8.25 7.80
C ALA A 186 8.78 9.49 8.68
N ALA A 187 8.92 9.27 9.99
CA ALA A 187 8.73 10.35 10.94
C ALA A 187 9.90 11.31 10.95
N LYS A 188 11.12 10.82 10.73
CA LYS A 188 12.28 11.70 10.64
C LYS A 188 12.12 12.65 9.44
N ILE A 189 11.65 12.12 8.31
CA ILE A 189 11.38 12.92 7.13
C ILE A 189 10.37 14.01 7.48
N TYR A 190 9.25 13.62 8.13
CA TYR A 190 8.19 14.56 8.45
C TYR A 190 8.72 15.68 9.35
N ARG A 191 9.47 15.31 10.40
CA ARG A 191 9.99 16.29 11.34
C ARG A 191 11.03 17.19 10.70
N ASN A 192 11.90 16.62 9.85
CA ASN A 192 12.97 17.39 9.23
C ASN A 192 12.37 18.39 8.25
N LEU A 193 11.29 17.98 7.57
CA LEU A 193 10.64 18.85 6.60
C LEU A 193 9.74 19.88 7.28
N TYR A 194 8.94 19.49 8.30
CA TYR A 194 7.86 20.36 8.77
C TYR A 194 7.89 20.64 10.27
N ARG A 195 8.82 20.08 11.00
CA ARG A 195 8.93 20.36 12.43
C ARG A 195 10.36 20.81 12.74
N GLU A 196 10.94 21.60 11.83
CA GLU A 196 12.26 22.20 12.01
C GLU A 196 13.32 21.20 12.48
N GLY A 197 13.19 19.90 12.16
CA GLY A 197 14.25 18.97 12.45
C GLY A 197 14.28 18.53 13.91
N SER A 198 13.16 18.72 14.63
CA SER A 198 13.05 18.20 15.99
C SER A 198 13.18 16.67 16.00
N GLY A 199 13.63 16.14 17.14
CA GLY A 199 13.80 14.70 17.34
C GLY A 199 12.48 13.93 17.28
N ILE A 200 12.56 12.66 16.85
CA ILE A 200 11.35 11.85 16.69
C ILE A 200 10.99 11.21 18.04
N GLY A 201 11.86 11.37 19.04
CA GLY A 201 11.54 10.88 20.36
C GLY A 201 11.54 9.35 20.40
N ALA A 202 10.99 8.80 21.48
CA ALA A 202 11.22 7.43 21.87
C ALA A 202 10.16 6.52 21.29
N ILE A 203 10.55 5.27 21.01
CA ILE A 203 9.62 4.17 20.80
C ILE A 203 9.14 3.67 22.17
N ASP A 204 7.83 3.45 22.31
CA ASP A 204 7.25 2.90 23.52
C ASP A 204 6.90 1.44 23.23
N SER A 205 7.53 0.54 24.00
CA SER A 205 7.41 -0.90 23.79
C SER A 205 6.02 -1.44 24.11
N ASN A 206 5.14 -0.62 24.69
CA ASN A 206 3.80 -1.07 25.03
C ASN A 206 2.78 -0.44 24.09
N LEU A 207 3.26 0.17 23.01
CA LEU A 207 2.34 0.79 22.07
C LEU A 207 2.38 0.03 20.75
N ASP A 208 1.26 0.09 20.05
CA ASP A 208 1.14 -0.47 18.72
C ASP A 208 1.88 0.42 17.72
N TRP A 209 2.10 -0.16 16.55
CA TRP A 209 2.94 0.47 15.54
C TRP A 209 2.37 1.82 15.13
N SER A 210 1.08 1.89 14.84
CA SER A 210 0.48 3.11 14.36
C SER A 210 0.61 4.23 15.40
N HIS A 211 0.55 3.85 16.68
CA HIS A 211 0.55 4.83 17.75
C HIS A 211 1.95 5.39 17.96
N ASN A 212 2.96 4.51 17.96
CA ASN A 212 4.34 4.96 18.01
C ASN A 212 4.60 5.89 16.84
N PHE A 213 4.03 5.56 15.68
CA PHE A 213 4.18 6.36 14.48
C PHE A 213 3.56 7.74 14.67
N THR A 214 2.31 7.84 15.16
CA THR A 214 1.69 9.16 15.25
C THR A 214 2.37 10.02 16.32
N ASN A 215 2.87 9.36 17.38
CA ASN A 215 3.69 9.99 18.40
C ASN A 215 4.97 10.58 17.80
N MET A 216 5.68 9.79 16.99
CA MET A 216 6.90 10.29 16.37
C MET A 216 6.58 11.38 15.34
N LEU A 217 5.42 11.31 14.69
CA LEU A 217 5.00 12.37 13.79
C LEU A 217 4.71 13.68 14.52
N GLY A 218 4.42 13.62 15.83
CA GLY A 218 4.22 14.82 16.65
C GLY A 218 2.73 15.16 16.83
N TYR A 219 1.85 14.18 16.59
CA TYR A 219 0.42 14.29 16.82
C TYR A 219 0.07 13.59 18.13
N THR A 220 -1.02 14.02 18.79
CA THR A 220 -1.51 13.34 20.00
C THR A 220 -2.99 12.99 19.91
N ASP A 221 -3.72 13.60 18.98
CA ASP A 221 -5.15 13.34 18.86
C ASP A 221 -5.38 11.84 18.71
N HIS A 222 -6.11 11.25 19.67
CA HIS A 222 -6.46 9.83 19.67
C HIS A 222 -7.12 9.42 18.35
N GLN A 223 -7.99 10.27 17.78
CA GLN A 223 -8.73 9.87 16.61
C GLN A 223 -7.85 9.92 15.37
N PHE A 224 -6.71 10.59 15.47
CA PHE A 224 -5.77 10.61 14.35
C PHE A 224 -5.07 9.27 14.30
N THR A 225 -4.63 8.79 15.48
CA THR A 225 -4.07 7.47 15.66
C THR A 225 -5.05 6.43 15.15
N GLU A 226 -6.34 6.61 15.42
CA GLU A 226 -7.34 5.66 14.97
C GLU A 226 -7.40 5.71 13.45
N LEU A 227 -7.39 6.91 12.87
CA LEU A 227 -7.42 7.03 11.42
C LEU A 227 -6.20 6.36 10.80
N THR A 228 -5.05 6.54 11.45
CA THR A 228 -3.80 6.00 10.96
C THR A 228 -3.83 4.47 10.95
N ARG A 229 -4.39 3.86 11.99
CA ARG A 229 -4.55 2.42 12.09
C ARG A 229 -5.38 1.93 10.92
N LEU A 230 -6.46 2.64 10.62
CA LEU A 230 -7.35 2.28 9.53
C LEU A 230 -6.62 2.41 8.20
N TYR A 231 -6.00 3.58 8.02
CA TYR A 231 -5.28 3.92 6.80
C TYR A 231 -4.18 2.91 6.47
N LEU A 232 -3.41 2.56 7.48
CA LEU A 232 -2.28 1.67 7.34
C LEU A 232 -2.78 0.25 7.06
N THR A 233 -3.97 -0.08 7.56
CA THR A 233 -4.54 -1.40 7.34
C THR A 233 -5.01 -1.49 5.90
N ILE A 234 -5.77 -0.50 5.41
CA ILE A 234 -6.47 -0.68 4.14
C ILE A 234 -5.61 -0.42 2.89
N HIS A 235 -4.53 0.35 3.03
CA HIS A 235 -3.58 0.55 1.92
C HIS A 235 -2.49 -0.52 1.84
N SER A 236 -2.60 -1.58 2.65
CA SER A 236 -1.49 -2.48 2.92
C SER A 236 -1.11 -3.35 1.72
N ASP A 237 -2.11 -3.67 0.88
CA ASP A 237 -1.96 -4.63 -0.21
C ASP A 237 -3.12 -4.43 -1.17
N HIS A 238 -2.83 -4.53 -2.47
CA HIS A 238 -3.87 -4.43 -3.49
C HIS A 238 -3.49 -5.37 -4.63
N GLU A 239 -3.31 -6.63 -4.27
CA GLU A 239 -2.93 -7.68 -5.24
C GLU A 239 -1.48 -7.44 -5.69
N GLY A 240 -1.07 -8.17 -6.71
CA GLY A 240 0.34 -8.22 -7.07
C GLY A 240 0.64 -7.40 -8.33
N GLY A 241 -0.41 -7.01 -9.07
CA GLY A 241 -0.22 -6.36 -10.37
C GLY A 241 -0.06 -4.83 -10.30
N ASN A 242 -0.32 -4.21 -9.15
CA ASN A 242 -0.08 -2.77 -9.06
C ASN A 242 1.42 -2.52 -9.13
N VAL A 243 1.84 -1.30 -9.43
CA VAL A 243 3.23 -1.03 -9.74
C VAL A 243 4.15 -1.27 -8.54
N SER A 244 3.69 -0.99 -7.32
CA SER A 244 4.59 -1.09 -6.17
C SER A 244 4.70 -2.55 -5.71
N ALA A 245 3.59 -3.27 -5.66
CA ALA A 245 3.68 -4.70 -5.43
C ALA A 245 4.50 -5.37 -6.53
N HIS A 246 4.24 -5.07 -7.80
CA HIS A 246 4.93 -5.76 -8.85
C HIS A 246 6.43 -5.46 -8.87
N THR A 247 6.75 -4.19 -8.59
CA THR A 247 8.15 -3.80 -8.55
C THR A 247 8.81 -4.54 -7.40
N SER A 248 8.17 -4.57 -6.23
CA SER A 248 8.79 -5.26 -5.11
C SER A 248 9.02 -6.71 -5.52
N HIS A 249 8.08 -7.26 -6.29
CA HIS A 249 8.06 -8.67 -6.63
C HIS A 249 9.18 -9.03 -7.62
N LEU A 250 9.31 -8.20 -8.68
CA LEU A 250 10.31 -8.28 -9.72
C LEU A 250 11.75 -8.11 -9.18
N VAL A 251 12.00 -7.02 -8.45
CA VAL A 251 13.33 -6.81 -7.90
C VAL A 251 13.64 -7.94 -6.91
N GLY A 252 12.64 -8.28 -6.10
CA GLY A 252 12.86 -9.37 -5.14
C GLY A 252 13.18 -10.69 -5.81
N SER A 253 12.68 -10.92 -7.04
CA SER A 253 12.88 -12.18 -7.75
C SER A 253 14.34 -12.37 -8.15
N ALA A 254 15.09 -11.26 -8.23
CA ALA A 254 16.52 -11.32 -8.48
C ALA A 254 17.33 -11.54 -7.19
N LEU A 255 16.61 -11.78 -6.08
CA LEU A 255 17.16 -12.03 -4.74
C LEU A 255 17.78 -10.76 -4.14
N SER A 256 17.37 -9.59 -4.65
CA SER A 256 17.56 -8.35 -3.93
C SER A 256 16.89 -8.44 -2.56
N ASP A 257 17.55 -7.89 -1.53
CA ASP A 257 17.04 -8.02 -0.18
C ASP A 257 15.76 -7.18 -0.03
N PRO A 258 15.01 -7.37 1.08
CA PRO A 258 13.77 -6.63 1.30
C PRO A 258 13.95 -5.12 1.23
N TYR A 259 15.10 -4.64 1.72
CA TYR A 259 15.31 -3.20 1.70
C TYR A 259 15.36 -2.69 0.26
N LEU A 260 16.16 -3.33 -0.59
CA LEU A 260 16.28 -2.91 -1.98
C LEU A 260 14.93 -3.05 -2.70
N SER A 261 14.22 -4.16 -2.46
CA SER A 261 12.98 -4.46 -3.16
C SER A 261 11.91 -3.45 -2.78
N PHE A 262 11.89 -3.10 -1.50
CA PHE A 262 10.90 -2.14 -1.04
C PHE A 262 11.24 -0.74 -1.57
N ALA A 263 12.52 -0.36 -1.62
CA ALA A 263 12.89 0.98 -2.06
C ALA A 263 12.54 1.19 -3.52
N ALA A 264 12.76 0.17 -4.32
CA ALA A 264 12.35 0.13 -5.71
C ALA A 264 10.84 0.25 -5.81
N ALA A 265 10.08 -0.49 -4.98
CA ALA A 265 8.63 -0.32 -4.93
C ALA A 265 8.25 1.13 -4.64
N MET A 266 8.98 1.81 -3.75
CA MET A 266 8.66 3.17 -3.38
C MET A 266 8.87 4.11 -4.57
N ASN A 267 9.89 3.84 -5.37
CA ASN A 267 10.14 4.64 -6.55
C ASN A 267 8.96 4.51 -7.51
N GLY A 268 8.31 3.34 -7.53
CA GLY A 268 7.12 3.15 -8.35
C GLY A 268 5.88 3.83 -7.77
N LEU A 269 5.72 3.76 -6.44
CA LEU A 269 4.62 4.40 -5.74
C LEU A 269 4.74 5.92 -5.85
N ALA A 270 5.97 6.42 -6.06
CA ALA A 270 6.18 7.86 -6.17
C ALA A 270 5.64 8.39 -7.48
N GLY A 271 5.34 7.49 -8.42
CA GLY A 271 4.93 7.91 -9.75
C GLY A 271 3.55 8.52 -9.67
N PRO A 272 3.27 9.64 -10.39
CA PRO A 272 1.93 10.19 -10.45
C PRO A 272 0.77 9.21 -10.66
N LEU A 273 0.95 8.22 -11.56
CA LEU A 273 -0.13 7.31 -11.89
C LEU A 273 -0.23 6.15 -10.90
N HIS A 274 0.57 6.11 -9.82
CA HIS A 274 0.37 5.08 -8.82
C HIS A 274 0.02 5.64 -7.43
N GLY A 275 0.87 6.49 -6.83
CA GLY A 275 0.66 6.90 -5.45
C GLY A 275 0.35 8.38 -5.25
N LEU A 276 0.02 9.13 -6.31
CA LEU A 276 -0.21 10.57 -6.15
C LEU A 276 -1.70 10.97 -6.24
N ALA A 277 -2.62 10.03 -6.46
CA ALA A 277 -4.02 10.37 -6.66
C ALA A 277 -4.63 11.11 -5.47
N ASN A 278 -4.22 10.75 -4.25
CA ASN A 278 -4.70 11.41 -3.05
C ASN A 278 -4.51 12.93 -3.18
N GLN A 279 -3.30 13.32 -3.58
CA GLN A 279 -2.94 14.73 -3.66
C GLN A 279 -3.71 15.39 -4.79
N GLU A 280 -3.84 14.67 -5.90
CA GLU A 280 -4.53 15.16 -7.08
C GLU A 280 -5.97 15.48 -6.70
N VAL A 281 -6.58 14.62 -5.87
CA VAL A 281 -7.96 14.81 -5.48
C VAL A 281 -8.07 16.10 -4.68
N LEU A 282 -7.22 16.25 -3.65
CA LEU A 282 -7.27 17.40 -2.77
C LEU A 282 -7.04 18.68 -3.58
N VAL A 283 -6.08 18.66 -4.50
CA VAL A 283 -5.81 19.80 -5.36
C VAL A 283 -7.03 20.12 -6.20
N TRP A 284 -7.74 19.08 -6.70
CA TRP A 284 -8.93 19.27 -7.51
C TRP A 284 -10.10 19.82 -6.70
N LEU A 285 -10.34 19.28 -5.52
CA LEU A 285 -11.35 19.82 -4.63
C LEU A 285 -11.06 21.29 -4.31
N THR A 286 -9.78 21.66 -4.14
CA THR A 286 -9.46 23.02 -3.75
C THR A 286 -9.79 23.96 -4.91
N GLN A 287 -9.34 23.62 -6.12
CA GLN A 287 -9.71 24.35 -7.31
C GLN A 287 -11.24 24.42 -7.44
N LEU A 288 -11.94 23.36 -7.04
CA LEU A 288 -13.39 23.31 -7.16
C LEU A 288 -14.00 24.47 -6.38
N GLN A 289 -13.66 24.55 -5.10
CA GLN A 289 -14.23 25.55 -4.23
C GLN A 289 -13.87 26.93 -4.74
N LYS A 290 -12.58 27.12 -5.03
CA LYS A 290 -12.09 28.36 -5.63
C LYS A 290 -12.97 28.77 -6.80
N GLU A 291 -13.40 27.83 -7.63
CA GLU A 291 -14.04 28.19 -8.88
C GLU A 291 -15.54 28.44 -8.67
N VAL A 292 -16.23 27.62 -7.85
CA VAL A 292 -17.68 27.73 -7.76
C VAL A 292 -18.18 28.09 -6.36
N GLY A 293 -17.30 28.03 -5.35
CA GLY A 293 -17.62 28.44 -3.99
C GLY A 293 -17.66 27.27 -3.01
N LYS A 294 -17.34 27.58 -1.75
CA LYS A 294 -17.07 26.61 -0.70
C LYS A 294 -18.37 25.98 -0.23
N ASP A 295 -19.49 26.65 -0.49
CA ASP A 295 -20.81 26.10 -0.23
C ASP A 295 -21.56 26.05 -1.54
N VAL A 296 -22.09 24.88 -1.90
CA VAL A 296 -22.72 24.76 -3.20
C VAL A 296 -23.89 23.79 -3.10
N SER A 297 -24.92 24.09 -3.91
CA SER A 297 -26.03 23.17 -4.13
C SER A 297 -25.59 22.12 -5.13
N ASP A 298 -26.37 21.03 -5.20
CA ASP A 298 -25.97 19.84 -5.92
C ASP A 298 -26.11 20.04 -7.43
N GLU A 299 -26.66 21.18 -7.83
CA GLU A 299 -27.01 21.45 -9.22
C GLU A 299 -25.82 22.09 -9.96
N LYS A 300 -25.25 23.15 -9.36
CA LYS A 300 -24.01 23.74 -9.79
C LYS A 300 -22.92 22.66 -9.86
N LEU A 301 -22.77 21.93 -8.76
CA LEU A 301 -21.72 20.92 -8.63
C LEU A 301 -21.78 19.95 -9.80
N ARG A 302 -23.00 19.66 -10.29
CA ARG A 302 -23.20 18.72 -11.39
C ARG A 302 -22.68 19.27 -12.71
N ASP A 303 -22.70 20.61 -12.85
CA ASP A 303 -22.33 21.28 -14.10
C ASP A 303 -20.81 21.41 -14.20
N TYR A 304 -20.16 21.57 -13.04
CA TYR A 304 -18.70 21.63 -12.97
C TYR A 304 -18.07 20.32 -13.49
N ILE A 305 -18.59 19.18 -13.02
CA ILE A 305 -18.08 17.88 -13.46
C ILE A 305 -18.05 17.86 -14.99
N TRP A 306 -19.18 18.25 -15.58
CA TRP A 306 -19.36 18.23 -17.02
C TRP A 306 -18.28 19.05 -17.73
N ASN A 307 -18.02 20.26 -17.22
CA ASN A 307 -16.97 21.12 -17.74
C ASN A 307 -15.63 20.40 -17.68
N THR A 308 -15.33 19.85 -16.50
CA THR A 308 -14.11 19.08 -16.30
C THR A 308 -13.96 18.10 -17.45
N LEU A 309 -15.03 17.34 -17.70
CA LEU A 309 -15.00 16.25 -18.67
C LEU A 309 -14.92 16.77 -20.09
N ASN A 310 -15.72 17.80 -20.41
CA ASN A 310 -15.67 18.40 -21.74
C ASN A 310 -14.28 18.98 -22.01
N SER A 311 -13.57 19.43 -20.97
CA SER A 311 -12.22 19.92 -21.15
C SER A 311 -11.25 18.79 -21.48
N GLY A 312 -11.70 17.53 -21.35
CA GLY A 312 -10.81 16.40 -21.53
C GLY A 312 -9.91 16.20 -20.31
N ARG A 313 -10.46 16.45 -19.12
CA ARG A 313 -9.74 16.21 -17.87
C ARG A 313 -10.53 15.24 -16.99
N VAL A 314 -9.81 14.45 -16.18
CA VAL A 314 -10.44 13.40 -15.41
C VAL A 314 -11.01 14.01 -14.14
N VAL A 315 -11.96 13.29 -13.53
CA VAL A 315 -12.35 13.59 -12.17
C VAL A 315 -11.48 12.70 -11.29
N PRO A 316 -10.52 13.27 -10.53
CA PRO A 316 -9.58 12.45 -9.76
C PRO A 316 -10.35 11.74 -8.66
N GLY A 317 -9.91 10.51 -8.37
CA GLY A 317 -10.45 9.75 -7.25
C GLY A 317 -11.62 8.86 -7.68
N TYR A 318 -11.97 8.90 -8.96
CA TYR A 318 -12.99 8.05 -9.56
C TYR A 318 -12.32 7.18 -10.61
N GLY A 319 -12.73 5.91 -10.69
CA GLY A 319 -12.15 4.97 -11.64
C GLY A 319 -11.14 4.05 -10.97
N HIS A 320 -10.81 2.96 -11.67
CA HIS A 320 -9.73 2.06 -11.29
C HIS A 320 -9.36 1.18 -12.48
N ALA A 321 -8.09 0.74 -12.50
CA ALA A 321 -7.55 -0.07 -13.58
C ALA A 321 -8.31 -1.39 -13.76
N VAL A 322 -8.72 -2.01 -12.65
CA VAL A 322 -9.23 -3.39 -12.65
C VAL A 322 -10.58 -3.43 -11.92
N LEU A 323 -10.69 -2.75 -10.77
CA LEU A 323 -11.94 -2.58 -10.02
C LEU A 323 -13.06 -2.03 -10.92
N ARG A 324 -14.31 -2.37 -10.59
CA ARG A 324 -15.45 -1.95 -11.41
C ARG A 324 -16.68 -1.61 -10.55
N LYS A 325 -16.50 -1.32 -9.27
CA LYS A 325 -17.59 -0.92 -8.39
C LYS A 325 -16.98 0.00 -7.32
N THR A 326 -17.76 0.53 -6.38
CA THR A 326 -17.21 1.40 -5.35
C THR A 326 -16.12 0.64 -4.59
N ASP A 327 -15.05 1.34 -4.23
CA ASP A 327 -13.90 0.73 -3.59
C ASP A 327 -14.22 0.61 -2.10
N PRO A 328 -14.13 -0.62 -1.52
CA PRO A 328 -14.36 -0.80 -0.08
C PRO A 328 -13.41 0.00 0.81
N ARG A 329 -12.22 0.33 0.30
CA ARG A 329 -11.31 1.25 0.95
C ARG A 329 -11.92 2.66 0.99
N TYR A 330 -12.69 3.04 -0.02
CA TYR A 330 -13.41 4.31 0.03
C TYR A 330 -14.50 4.22 1.11
N THR A 331 -15.39 3.22 0.97
CA THR A 331 -16.52 3.04 1.87
C THR A 331 -16.05 3.16 3.32
N CYS A 332 -14.94 2.52 3.70
CA CYS A 332 -14.63 2.46 5.12
C CYS A 332 -14.08 3.79 5.63
N GLN A 333 -13.54 4.65 4.74
CA GLN A 333 -13.11 5.97 5.16
C GLN A 333 -14.33 6.88 5.37
N ARG A 334 -15.33 6.74 4.47
CA ARG A 334 -16.62 7.41 4.59
C ARG A 334 -17.23 7.13 5.96
N GLU A 335 -17.34 5.83 6.30
CA GLU A 335 -17.84 5.44 7.61
C GLU A 335 -17.11 6.19 8.71
N PHE A 336 -15.76 6.20 8.68
CA PHE A 336 -14.98 6.90 9.67
C PHE A 336 -15.39 8.38 9.73
N ALA A 337 -15.51 9.02 8.55
CA ALA A 337 -15.79 10.46 8.46
C ALA A 337 -17.16 10.78 9.05
N LEU A 338 -18.22 10.17 8.49
CA LEU A 338 -19.56 10.51 8.95
C LEU A 338 -19.72 10.09 10.40
N LYS A 339 -18.83 9.21 10.89
CA LYS A 339 -18.77 8.91 12.31
C LYS A 339 -18.00 9.97 13.09
N HIS A 340 -16.93 10.55 12.52
CA HIS A 340 -16.04 11.36 13.35
C HIS A 340 -15.92 12.82 12.94
N LEU A 341 -16.35 13.19 11.73
CA LEU A 341 -16.23 14.58 11.29
C LEU A 341 -17.28 14.84 10.23
N PRO A 342 -18.58 14.64 10.54
CA PRO A 342 -19.62 14.66 9.52
C PRO A 342 -19.97 16.07 9.05
N ASN A 343 -19.60 17.08 9.86
CA ASN A 343 -19.88 18.47 9.56
C ASN A 343 -18.61 19.15 9.07
N ASP A 344 -17.72 18.36 8.48
CA ASP A 344 -16.52 18.89 7.86
C ASP A 344 -16.87 19.34 6.46
N PRO A 345 -16.66 20.64 6.14
CA PRO A 345 -17.04 21.20 4.83
C PRO A 345 -16.45 20.44 3.65
N MET A 346 -15.15 20.08 3.77
CA MET A 346 -14.47 19.37 2.70
C MET A 346 -15.07 17.97 2.55
N PHE A 347 -15.31 17.30 3.68
CA PHE A 347 -15.95 15.98 3.68
C PHE A 347 -17.32 16.09 3.02
N LYS A 348 -18.09 17.12 3.35
CA LYS A 348 -19.41 17.28 2.72
C LYS A 348 -19.29 17.33 1.20
N LEU A 349 -18.29 18.07 0.70
CA LEU A 349 -18.05 18.10 -0.74
C LEU A 349 -17.73 16.69 -1.22
N VAL A 350 -16.88 15.97 -0.47
CA VAL A 350 -16.54 14.61 -0.84
C VAL A 350 -17.84 13.78 -0.88
N ALA A 351 -18.67 13.89 0.15
CA ALA A 351 -19.98 13.23 0.18
C ALA A 351 -20.84 13.61 -1.03
N GLN A 352 -20.91 14.93 -1.30
CA GLN A 352 -21.71 15.41 -2.41
C GLN A 352 -21.32 14.76 -3.73
N LEU A 353 -20.01 14.78 -4.00
CA LEU A 353 -19.47 14.21 -5.22
C LEU A 353 -19.81 12.72 -5.34
N TYR A 354 -19.87 12.03 -4.21
CA TYR A 354 -20.21 10.61 -4.24
C TYR A 354 -21.52 10.38 -5.02
N LYS A 355 -22.53 11.21 -4.77
CA LYS A 355 -23.86 11.05 -5.37
C LYS A 355 -23.86 11.42 -6.85
N ILE A 356 -23.19 12.54 -7.15
CA ILE A 356 -23.32 13.19 -8.44
C ILE A 356 -22.37 12.56 -9.44
N VAL A 357 -21.11 12.38 -9.04
CA VAL A 357 -20.09 12.06 -10.03
C VAL A 357 -20.43 10.75 -10.73
N PRO A 358 -20.87 9.68 -10.02
CA PRO A 358 -21.16 8.38 -10.65
C PRO A 358 -22.03 8.42 -11.91
N ASN A 359 -23.17 9.12 -11.82
CA ASN A 359 -24.11 9.27 -12.94
C ASN A 359 -23.40 9.87 -14.15
N VAL A 360 -22.75 11.01 -13.91
CA VAL A 360 -21.79 11.52 -14.88
C VAL A 360 -20.64 10.53 -14.87
N LEU A 361 -20.05 10.27 -16.05
CA LEU A 361 -19.03 9.25 -16.24
C LEU A 361 -19.71 8.07 -16.90
N LEU A 362 -20.92 7.73 -16.40
CA LEU A 362 -21.85 6.84 -17.06
C LEU A 362 -22.23 7.38 -18.44
N GLU A 363 -22.97 8.49 -18.47
CA GLU A 363 -23.36 9.10 -19.73
C GLU A 363 -22.13 9.33 -20.61
N GLN A 364 -21.11 10.02 -20.06
CA GLN A 364 -19.86 10.18 -20.79
C GLN A 364 -19.49 8.86 -21.49
N GLY A 365 -19.79 7.74 -20.83
CA GLY A 365 -19.46 6.43 -21.34
C GLY A 365 -18.10 6.02 -20.83
N LYS A 366 -17.07 6.27 -21.64
CA LYS A 366 -15.68 5.98 -21.24
C LYS A 366 -15.52 6.06 -19.72
N ALA A 367 -15.31 4.91 -19.07
CA ALA A 367 -15.04 4.92 -17.61
C ALA A 367 -14.83 3.51 -17.09
N LYS A 368 -15.55 2.52 -17.58
CA LYS A 368 -15.49 1.16 -17.05
C LYS A 368 -15.92 1.19 -15.58
N ASN A 369 -15.14 1.89 -14.73
CA ASN A 369 -15.50 2.07 -13.34
C ASN A 369 -15.86 3.53 -13.11
N PRO A 370 -17.17 3.86 -12.99
CA PRO A 370 -17.61 5.23 -12.71
C PRO A 370 -17.62 5.56 -11.22
N TRP A 371 -17.20 4.62 -10.39
CA TRP A 371 -17.34 4.75 -8.96
C TRP A 371 -16.02 5.19 -8.35
N PRO A 372 -16.01 5.65 -7.08
CA PRO A 372 -14.78 6.12 -6.44
C PRO A 372 -13.79 5.04 -5.99
N ASN A 373 -12.49 5.38 -6.07
CA ASN A 373 -11.42 4.59 -5.48
C ASN A 373 -11.02 5.22 -4.14
N VAL A 374 -10.13 4.54 -3.40
CA VAL A 374 -9.67 4.99 -2.09
C VAL A 374 -9.18 6.44 -2.10
N ASP A 375 -8.55 6.91 -3.19
CA ASP A 375 -7.90 8.21 -3.16
C ASP A 375 -8.90 9.37 -3.15
N ALA A 376 -10.15 9.11 -3.54
CA ALA A 376 -11.19 10.13 -3.46
C ALA A 376 -11.37 10.65 -2.04
N HIS A 377 -10.96 9.88 -1.02
CA HIS A 377 -11.43 10.11 0.34
C HIS A 377 -10.31 10.31 1.37
N SER A 378 -9.06 9.97 1.04
CA SER A 378 -8.02 9.94 2.06
C SER A 378 -7.58 11.34 2.47
N GLY A 379 -7.46 12.25 1.50
CA GLY A 379 -6.94 13.58 1.75
C GLY A 379 -7.75 14.38 2.77
N VAL A 380 -9.08 14.40 2.62
CA VAL A 380 -9.88 15.20 3.55
C VAL A 380 -9.75 14.69 4.98
N LEU A 381 -9.65 13.36 5.17
CA LEU A 381 -9.45 12.81 6.51
C LEU A 381 -8.14 13.33 7.09
N LEU A 382 -7.07 13.25 6.31
CA LEU A 382 -5.74 13.55 6.82
C LEU A 382 -5.67 15.04 7.16
N GLN A 383 -6.19 15.85 6.23
CA GLN A 383 -6.22 17.30 6.34
C GLN A 383 -7.04 17.71 7.57
N TYR A 384 -8.17 17.02 7.79
CA TYR A 384 -9.02 17.30 8.95
C TYR A 384 -8.18 17.25 10.22
N TYR A 385 -7.18 16.36 10.31
CA TYR A 385 -6.47 16.22 11.57
C TYR A 385 -5.15 16.96 11.57
N GLY A 386 -4.96 17.91 10.64
CA GLY A 386 -3.75 18.71 10.62
C GLY A 386 -2.62 18.10 9.77
N MET A 387 -2.90 17.04 9.02
CA MET A 387 -1.89 16.44 8.17
C MET A 387 -2.07 17.08 6.80
N THR A 388 -1.50 18.27 6.65
CA THR A 388 -1.81 19.17 5.54
C THR A 388 -0.74 19.13 4.45
N GLU A 389 0.43 18.51 4.73
CA GLU A 389 1.54 18.49 3.80
C GLU A 389 1.31 17.40 2.77
N MET A 390 0.74 17.81 1.63
CA MET A 390 0.25 16.87 0.65
C MET A 390 1.41 16.08 0.04
N ASN A 391 2.62 16.67 -0.06
CA ASN A 391 3.75 15.96 -0.64
C ASN A 391 4.09 14.71 0.17
N TYR A 392 3.73 14.74 1.45
CA TYR A 392 4.10 13.68 2.39
C TYR A 392 3.13 12.50 2.32
N TYR A 393 1.94 12.70 1.76
CA TYR A 393 0.88 11.70 1.85
C TYR A 393 1.31 10.35 1.30
N THR A 394 2.11 10.35 0.23
CA THR A 394 2.49 9.08 -0.37
C THR A 394 3.45 8.32 0.52
N VAL A 395 4.14 9.00 1.42
CA VAL A 395 4.91 8.29 2.43
C VAL A 395 3.99 7.43 3.30
N LEU A 396 2.81 7.92 3.68
CA LEU A 396 1.96 7.15 4.56
C LEU A 396 1.54 5.87 3.82
N PHE A 397 1.17 6.05 2.56
CA PHE A 397 0.84 4.95 1.69
C PHE A 397 1.98 3.95 1.68
N GLY A 398 3.21 4.45 1.51
CA GLY A 398 4.38 3.61 1.42
C GLY A 398 4.54 2.75 2.67
N VAL A 399 4.46 3.39 3.83
CA VAL A 399 4.59 2.68 5.10
C VAL A 399 3.54 1.58 5.21
N SER A 400 2.32 1.88 4.74
CA SER A 400 1.24 0.90 4.71
C SER A 400 1.62 -0.27 3.81
N ARG A 401 2.03 0.06 2.58
CA ARG A 401 2.17 -0.90 1.51
C ARG A 401 3.31 -1.89 1.81
N ALA A 402 4.26 -1.50 2.67
CA ALA A 402 5.29 -2.44 3.15
C ALA A 402 4.68 -3.73 3.65
N LEU A 403 3.54 -3.61 4.34
CA LEU A 403 2.96 -4.75 5.02
C LEU A 403 2.64 -5.83 4.01
N GLY A 404 1.92 -5.46 2.97
CA GLY A 404 1.48 -6.42 1.97
C GLY A 404 2.65 -6.92 1.15
N VAL A 405 3.51 -6.01 0.67
CA VAL A 405 4.54 -6.42 -0.27
C VAL A 405 5.59 -7.27 0.45
N LEU A 406 5.85 -6.99 1.72
CA LEU A 406 6.85 -7.78 2.43
C LEU A 406 6.26 -9.11 2.86
N ALA A 407 4.98 -9.13 3.22
CA ALA A 407 4.31 -10.40 3.50
C ALA A 407 4.52 -11.35 2.35
N GLN A 408 4.24 -10.85 1.14
CA GLN A 408 4.30 -11.67 -0.07
C GLN A 408 5.74 -12.04 -0.41
N LEU A 409 6.69 -11.11 -0.20
CA LEU A 409 8.09 -11.36 -0.46
C LEU A 409 8.56 -12.61 0.31
N ILE A 410 8.12 -12.72 1.56
CA ILE A 410 8.50 -13.86 2.38
C ILE A 410 8.01 -15.13 1.70
N TRP A 411 6.76 -15.12 1.22
CA TRP A 411 6.16 -16.29 0.61
C TRP A 411 6.80 -16.60 -0.74
N SER A 412 7.15 -15.58 -1.52
CA SER A 412 7.79 -15.78 -2.82
C SER A 412 9.12 -16.52 -2.66
N ARG A 413 9.85 -16.19 -1.59
CA ARG A 413 11.12 -16.82 -1.31
C ARG A 413 10.88 -18.19 -0.68
N ALA A 414 9.83 -18.34 0.13
CA ALA A 414 9.54 -19.64 0.73
C ALA A 414 9.12 -20.65 -0.33
N LEU A 415 8.39 -20.16 -1.35
CA LEU A 415 7.88 -21.02 -2.41
C LEU A 415 8.90 -21.15 -3.54
N GLY A 416 10.05 -20.47 -3.42
CA GLY A 416 11.10 -20.52 -4.42
C GLY A 416 10.67 -20.00 -5.79
N PHE A 417 9.88 -18.93 -5.84
CA PHE A 417 9.61 -18.25 -7.12
C PHE A 417 10.89 -17.75 -7.77
N PRO A 418 11.06 -17.99 -9.10
CA PRO A 418 12.31 -17.69 -9.77
C PRO A 418 12.31 -16.27 -10.32
N LEU A 419 13.43 -15.91 -10.93
CA LEU A 419 13.62 -14.60 -11.51
C LEU A 419 12.46 -14.34 -12.46
N GLU A 420 11.82 -13.16 -12.38
CA GLU A 420 10.81 -12.76 -13.35
C GLU A 420 11.53 -12.25 -14.60
N ARG A 421 11.26 -12.90 -15.73
CA ARG A 421 11.96 -12.64 -16.99
C ARG A 421 11.01 -12.96 -18.16
N PRO A 422 9.98 -12.12 -18.40
CA PRO A 422 9.23 -12.23 -19.64
C PRO A 422 10.14 -11.97 -20.83
N LYS A 423 9.58 -12.20 -22.03
CA LYS A 423 10.22 -11.93 -23.29
C LYS A 423 9.65 -10.61 -23.81
N SER A 424 10.51 -9.71 -24.27
CA SER A 424 10.03 -8.50 -24.88
C SER A 424 10.10 -8.67 -26.40
N MET A 425 9.44 -7.78 -27.13
CA MET A 425 9.56 -7.72 -28.58
C MET A 425 9.56 -6.26 -29.00
N SER A 426 10.19 -5.94 -30.13
CA SER A 426 10.00 -4.64 -30.74
C SER A 426 8.71 -4.61 -31.56
N THR A 427 8.31 -3.40 -31.98
CA THR A 427 7.23 -3.25 -32.94
C THR A 427 7.57 -4.03 -34.22
N GLU A 428 8.76 -3.76 -34.75
CA GLU A 428 9.23 -4.39 -35.98
C GLU A 428 9.19 -5.91 -35.81
N GLY A 429 9.76 -6.40 -34.70
CA GLY A 429 9.78 -7.83 -34.43
C GLY A 429 8.38 -8.42 -34.27
N LEU A 430 7.48 -7.68 -33.62
CA LEU A 430 6.14 -8.17 -33.35
C LEU A 430 5.31 -8.19 -34.63
N MET A 431 5.61 -7.27 -35.56
CA MET A 431 4.95 -7.25 -36.86
C MET A 431 5.37 -8.47 -37.68
N LYS A 432 6.67 -8.77 -37.73
CA LYS A 432 7.13 -9.94 -38.47
C LYS A 432 6.59 -11.22 -37.82
N PHE A 433 6.57 -11.25 -36.47
CA PHE A 433 6.07 -12.41 -35.77
C PHE A 433 4.65 -12.68 -36.21
N VAL A 434 3.83 -11.62 -36.21
CA VAL A 434 2.42 -11.75 -36.55
C VAL A 434 2.29 -12.18 -38.02
N ASP A 435 3.12 -11.60 -38.90
CA ASP A 435 3.10 -11.91 -40.33
C ASP A 435 3.57 -13.34 -40.62
N SER A 436 4.11 -14.05 -39.62
CA SER A 436 4.27 -15.50 -39.75
C SER A 436 3.75 -16.20 -38.48
O1 OAA B . -4.42 -1.30 -7.65
O2 OAA B . -3.32 -0.77 -9.51
O4 OAA B . -3.59 0.37 -4.07
O5 OAA B . -2.08 -0.34 -5.43
O3 OAA B . -4.90 1.31 -6.09
C1 OAA B . -3.69 -0.53 -8.34
C2 OAA B . -3.22 0.75 -7.66
C3 OAA B . -3.78 0.82 -6.25
C4 OAA B . -3.13 0.27 -5.20
C ACY C . -4.47 3.44 -6.13
O ACY C . -4.24 4.35 -5.32
OXT ACY C . -5.63 3.06 -6.49
CH3 ACY C . -3.23 2.76 -6.71
N1A COA D . -12.83 10.83 -14.97
C2A COA D . -12.82 11.05 -16.29
N3A COA D . -12.51 10.22 -17.27
C4A COA D . -12.19 9.00 -16.78
C5A COA D . -12.14 8.62 -15.47
C6A COA D . -12.48 9.60 -14.51
N6A COA D . -12.49 9.37 -13.20
N7A COA D . -11.77 7.28 -15.36
C8A COA D . -11.56 6.91 -16.59
N9A COA D . -11.79 7.91 -17.51
C1B COA D . -11.67 7.85 -18.95
C2B COA D . -10.26 7.50 -19.41
O2B COA D . -9.36 8.59 -19.38
C3B COA D . -10.57 6.99 -20.82
O3B COA D . -10.89 8.09 -21.66
P3B COA D . -10.27 8.11 -23.14
O7A COA D . -8.76 7.86 -23.07
O8A COA D . -10.60 9.49 -23.64
O9A COA D . -11.01 7.04 -23.94
C4B COA D . -11.84 6.18 -20.58
O4B COA D . -12.48 6.79 -19.43
C5B COA D . -11.65 4.70 -20.34
O5B COA D . -10.49 4.48 -19.50
P1A COA D . -10.56 3.27 -18.45
O1A COA D . -10.05 2.03 -19.09
O2A COA D . -11.87 3.25 -17.74
O3A COA D . -9.50 3.76 -17.36
P2A COA D . -8.02 3.24 -17.14
O4A COA D . -8.13 1.84 -16.62
O5A COA D . -7.17 3.51 -18.34
O6A COA D . -7.52 4.25 -16.01
CBP COA D . -7.74 5.37 -13.93
CCP COA D . -7.98 4.06 -14.64
CDP COA D . -7.90 5.19 -12.40
CEP COA D . -6.31 5.84 -14.24
CAP COA D . -8.75 6.41 -14.44
OAP COA D . -10.05 6.06 -14.04
C9P COA D . -8.41 7.79 -13.93
O9P COA D . -7.68 8.52 -14.59
N8P COA D . -8.97 8.16 -12.76
C7P COA D . -8.62 9.39 -12.07
C6P COA D . -7.27 9.27 -11.35
C5P COA D . -7.37 8.34 -10.15
O5P COA D . -8.30 8.44 -9.34
N4P COA D . -6.37 7.44 -10.02
C3P COA D . -6.12 6.63 -8.84
C2P COA D . -6.27 5.13 -9.07
S1P COA D . -4.82 4.32 -9.79
#